data_5NT4
#
_entry.id   5NT4
#
_cell.length_a   90.060
_cell.length_b   98.150
_cell.length_c   118.380
_cell.angle_alpha   90.00
_cell.angle_beta   90.00
_cell.angle_gamma   90.00
#
_symmetry.space_group_name_H-M   'C 2 2 21'
#
loop_
_entity.id
_entity.type
_entity.pdbx_description
1 polymer Tankyrase-2
2 polymer Tankyrase-2
3 non-polymer 'ZINC ION'
4 non-polymer 'SULFATE ION'
5 non-polymer 2-[4-morpholin-4-yl]-3,4-dihydroquinazolin-4-one
6 non-polymer GLYCEROL
7 water water
#
loop_
_entity_poly.entity_id
_entity_poly.type
_entity_poly.pdbx_seq_one_letter_code
_entity_poly.pdbx_strand_id
1 'polypeptide(L)'
;MHHHHHHSSGVDLGTENLYFQSMLNTSGSGTILIDLSPDDKEFQSVEEEMQSTVREHRDGGHAGGIFNRYNILKIQKVCN
KKLWERYTHRRKEVSEENHNHANERMLFHGSPFVNAIIHKGFDERHAYIGGMFGAGIYFAENSSKSNQYVYGIGGGTGCP
VHKDRSCYICHRQLLFCRVTLGKSFLQFSAM
;
A,B
2 'polypeptide(L)' KMAHSPPGHHSVTGRPSVNGLALAEYVIYRGEQAYPEYLITYQIMRPEG H,I
#
loop_
_chem_comp.id
_chem_comp.type
_chem_comp.name
_chem_comp.formula
97Z non-polymer 2-[4-morpholin-4-yl]-3,4-dihydroquinazolin-4-one 'C18 H17 N3 O2'
GOL non-polymer GLYCEROL 'C3 H8 O3'
SO4 non-polymer 'SULFATE ION' 'O4 S -2'
ZN non-polymer 'ZINC ION' 'Zn 2'
#
# COMPACT_ATOMS: atom_id res chain seq x y z
N GLY A 30 25.29 -24.48 13.34
CA GLY A 30 26.13 -23.83 14.35
C GLY A 30 25.43 -22.72 15.14
N THR A 31 24.10 -22.65 15.07
CA THR A 31 23.38 -21.63 15.83
C THR A 31 23.10 -22.12 17.23
N ILE A 32 23.41 -21.29 18.22
CA ILE A 32 22.87 -21.50 19.53
C ILE A 32 22.02 -20.30 19.95
N LEU A 33 20.96 -20.58 20.72
CA LEU A 33 20.06 -19.57 21.28
C LEU A 33 20.33 -19.43 22.77
N ILE A 34 20.70 -18.24 23.20
CA ILE A 34 20.90 -17.97 24.62
C ILE A 34 19.77 -17.12 25.18
N ASP A 35 19.07 -17.65 26.17
CA ASP A 35 17.98 -16.94 26.86
C ASP A 35 18.42 -15.73 27.63
N LEU A 36 17.77 -14.59 27.45
CA LEU A 36 18.07 -13.43 28.24
C LEU A 36 17.12 -13.44 29.42
N SER A 37 17.65 -13.08 30.58
CA SER A 37 16.83 -12.94 31.78
C SER A 37 16.00 -11.67 31.63
N PRO A 38 14.74 -11.69 32.10
CA PRO A 38 13.95 -10.43 32.18
C PRO A 38 14.59 -9.29 33.00
N ASP A 39 15.50 -9.63 33.92
CA ASP A 39 16.23 -8.64 34.72
C ASP A 39 17.43 -8.02 34.00
N ASP A 40 17.81 -8.57 32.85
CA ASP A 40 18.97 -8.12 32.09
C ASP A 40 18.57 -6.86 31.33
N LYS A 41 19.45 -5.87 31.36
CA LYS A 41 19.18 -4.58 30.67
C LYS A 41 18.97 -4.77 29.15
N GLU A 42 19.64 -5.76 28.59
CA GLU A 42 19.54 -6.12 27.21
C GLU A 42 18.15 -6.66 26.87
N PHE A 43 17.60 -7.52 27.70
CA PHE A 43 16.18 -7.95 27.58
C PHE A 43 15.29 -6.74 27.58
N GLN A 44 15.52 -5.87 28.56
CA GLN A 44 14.63 -4.75 28.79
C GLN A 44 14.66 -3.72 27.65
N SER A 45 15.82 -3.48 27.04
CA SER A 45 15.90 -2.51 25.95
C SER A 45 15.28 -3.09 24.66
N VAL A 46 15.40 -4.42 24.45
CA VAL A 46 14.75 -5.08 23.32
C VAL A 46 13.22 -5.10 23.53
N GLU A 47 12.74 -5.47 24.73
CA GLU A 47 11.31 -5.45 25.01
C GLU A 47 10.76 -4.05 24.78
N GLU A 48 11.45 -3.02 25.23
CA GLU A 48 10.97 -1.63 25.07
C GLU A 48 10.82 -1.22 23.58
N GLU A 49 11.75 -1.65 22.75
CA GLU A 49 11.67 -1.36 21.31
C GLU A 49 10.49 -2.06 20.66
N MET A 50 10.30 -3.31 21.05
CA MET A 50 9.12 -4.09 20.66
C MET A 50 7.80 -3.37 21.02
N GLN A 51 7.65 -3.00 22.30
CA GLN A 51 6.40 -2.47 22.82
C GLN A 51 6.14 -1.07 22.31
N SER A 52 7.17 -0.23 22.22
CA SER A 52 6.99 1.15 21.95
C SER A 52 6.78 1.42 20.48
N THR A 53 7.09 0.46 19.61
CA THR A 53 6.86 0.64 18.19
C THR A 53 5.61 -0.05 17.68
N VAL A 54 4.68 -0.42 18.55
CA VAL A 54 3.36 -0.86 18.12
C VAL A 54 2.57 0.37 17.60
N ARG A 55 1.91 0.22 16.46
CA ARG A 55 0.97 1.24 15.98
C ARG A 55 -0.30 0.55 15.51
N GLU A 56 -1.33 1.34 15.28
CA GLU A 56 -2.52 0.87 14.57
C GLU A 56 -2.25 0.78 13.09
N HIS A 57 -2.88 -0.20 12.46
CA HIS A 57 -2.68 -0.50 11.06
C HIS A 57 -3.95 -0.21 10.31
N ARG A 58 -3.80 0.11 9.01
CA ARG A 58 -4.91 0.58 8.19
C ARG A 58 -5.88 -0.55 7.88
N ASP A 59 -5.48 -1.82 8.06
CA ASP A 59 -6.38 -2.96 7.92
C ASP A 59 -7.26 -3.26 9.12
N GLY A 60 -7.27 -2.39 10.13
CA GLY A 60 -8.01 -2.60 11.37
C GLY A 60 -7.65 -3.89 12.11
N GLY A 61 -6.46 -4.42 11.87
CA GLY A 61 -6.03 -5.67 12.48
C GLY A 61 -6.22 -6.95 11.70
N HIS A 62 -6.64 -6.86 10.44
CA HIS A 62 -6.91 -8.04 9.62
C HIS A 62 -5.70 -8.97 9.54
N ALA A 63 -4.52 -8.40 9.24
CA ALA A 63 -3.35 -9.23 8.96
C ALA A 63 -2.67 -9.65 10.26
N GLY A 64 -2.53 -8.72 11.20
CA GLY A 64 -1.73 -8.98 12.42
C GLY A 64 -2.48 -9.23 13.70
N GLY A 65 -3.79 -8.95 13.72
CA GLY A 65 -4.56 -8.99 14.92
C GLY A 65 -4.80 -7.62 15.51
N ILE A 66 -5.73 -7.58 16.48
CA ILE A 66 -6.09 -6.34 17.17
C ILE A 66 -5.38 -6.38 18.53
N PHE A 67 -4.52 -5.39 18.79
CA PHE A 67 -3.76 -5.32 20.02
C PHE A 67 -3.04 -3.99 20.11
N ASN A 68 -2.72 -3.58 21.32
CA ASN A 68 -1.88 -2.41 21.55
C ASN A 68 -0.56 -2.72 22.16
N ARG A 69 -0.40 -3.96 22.63
CA ARG A 69 0.82 -4.38 23.26
C ARG A 69 0.95 -5.88 23.20
N TYR A 70 2.14 -6.33 23.54
CA TYR A 70 2.49 -7.72 23.56
C TYR A 70 2.71 -8.26 24.99
N ASN A 71 2.52 -9.57 25.14
CA ASN A 71 3.06 -10.31 26.26
C ASN A 71 4.33 -10.97 25.79
N ILE A 72 5.47 -10.47 26.24
CA ILE A 72 6.75 -11.01 25.82
C ILE A 72 7.01 -12.24 26.66
N LEU A 73 7.26 -13.35 26.01
CA LEU A 73 7.45 -14.63 26.69
C LEU A 73 8.93 -14.96 26.83
N LYS A 74 9.71 -14.64 25.82
CA LYS A 74 11.11 -14.94 25.83
C LYS A 74 11.86 -14.05 24.85
N ILE A 75 13.09 -13.66 25.22
CA ILE A 75 14.00 -13.06 24.27
C ILE A 75 15.31 -13.86 24.29
N GLN A 76 15.72 -14.34 23.14
CA GLN A 76 16.95 -15.09 22.97
C GLN A 76 17.93 -14.40 22.04
N LYS A 77 19.20 -14.43 22.41
CA LYS A 77 20.30 -13.97 21.58
C LYS A 77 20.63 -15.11 20.61
N VAL A 78 20.75 -14.75 19.33
CA VAL A 78 21.07 -15.69 18.28
C VAL A 78 22.57 -15.60 18.02
N CYS A 79 23.26 -16.69 18.27
CA CYS A 79 24.74 -16.75 18.17
CA CYS A 79 24.74 -16.74 18.19
C CYS A 79 25.11 -17.77 17.13
N ASN A 80 25.69 -17.28 16.03
CA ASN A 80 26.23 -18.11 14.98
C ASN A 80 27.46 -17.42 14.39
N LYS A 81 28.62 -17.97 14.68
CA LYS A 81 29.89 -17.37 14.29
C LYS A 81 30.01 -17.15 12.78
N LYS A 82 29.66 -18.16 12.01
CA LYS A 82 29.74 -18.10 10.56
C LYS A 82 28.84 -17.00 10.01
N LEU A 83 27.58 -16.97 10.46
CA LEU A 83 26.64 -15.98 9.95
C LEU A 83 27.04 -14.56 10.38
N TRP A 84 27.61 -14.42 11.58
CA TRP A 84 28.13 -13.16 12.05
C TRP A 84 29.30 -12.66 11.17
N GLU A 85 30.22 -13.56 10.85
CA GLU A 85 31.35 -13.18 10.02
C GLU A 85 30.92 -12.81 8.62
N ARG A 86 29.93 -13.51 8.09
CA ARG A 86 29.33 -13.19 6.80
C ARG A 86 28.65 -11.78 6.80
N TYR A 87 27.96 -11.47 7.88
CA TYR A 87 27.42 -10.13 8.06
C TYR A 87 28.53 -9.04 8.15
N THR A 88 29.52 -9.23 9.03
CA THR A 88 30.53 -8.19 9.25
C THR A 88 31.43 -7.98 8.01
N HIS A 89 31.63 -9.05 7.26
CA HIS A 89 32.35 -8.96 6.00
C HIS A 89 31.64 -8.04 5.01
N ARG A 90 30.34 -8.26 4.86
CA ARG A 90 29.54 -7.44 3.96
C ARG A 90 29.41 -6.01 4.52
N ARG A 91 29.28 -5.87 5.84
CA ARG A 91 29.15 -4.58 6.46
C ARG A 91 30.37 -3.71 6.12
N LYS A 92 31.55 -4.30 6.18
CA LYS A 92 32.79 -3.63 5.85
C LYS A 92 32.84 -3.22 4.36
N GLU A 93 32.39 -4.07 3.47
CA GLU A 93 32.32 -3.72 2.05
C GLU A 93 31.41 -2.52 1.83
N VAL A 94 30.24 -2.55 2.46
CA VAL A 94 29.31 -1.43 2.31
C VAL A 94 29.91 -0.17 2.89
N SER A 95 30.41 -0.28 4.10
CA SER A 95 31.03 0.82 4.79
C SER A 95 32.11 1.51 3.93
N GLU A 96 33.01 0.71 3.35
CA GLU A 96 34.05 1.25 2.50
C GLU A 96 33.54 1.89 1.21
N GLU A 97 32.35 1.51 0.75
CA GLU A 97 31.67 2.18 -0.36
C GLU A 97 30.87 3.43 0.05
N ASN A 98 30.83 3.77 1.34
CA ASN A 98 29.94 4.83 1.84
C ASN A 98 30.64 5.58 2.95
N HIS A 99 31.83 6.11 2.64
CA HIS A 99 32.60 6.94 3.56
C HIS A 99 32.66 6.39 4.97
N ASN A 100 32.97 5.10 5.07
CA ASN A 100 33.12 4.42 6.36
CA ASN A 100 33.14 4.40 6.37
C ASN A 100 31.87 4.49 7.24
N HIS A 101 30.73 4.39 6.59
CA HIS A 101 29.44 4.44 7.26
C HIS A 101 28.55 3.30 6.79
N ALA A 102 28.40 2.28 7.65
CA ALA A 102 27.52 1.17 7.35
C ALA A 102 26.08 1.57 7.37
N ASN A 103 25.73 2.61 8.13
CA ASN A 103 24.31 3.00 8.31
C ASN A 103 23.53 1.79 8.83
N GLU A 104 24.00 1.32 9.98
CA GLU A 104 23.47 0.14 10.63
C GLU A 104 22.30 0.45 11.53
N ARG A 105 21.22 -0.30 11.37
CA ARG A 105 20.03 -0.13 12.17
C ARG A 105 19.68 -1.47 12.86
N MET A 106 18.80 -1.37 13.85
CA MET A 106 18.18 -2.51 14.45
C MET A 106 16.70 -2.43 14.08
N LEU A 107 16.23 -3.44 13.38
CA LEU A 107 14.90 -3.45 12.76
C LEU A 107 14.22 -4.80 12.95
N PHE A 108 12.90 -4.80 12.89
CA PHE A 108 12.13 -6.03 13.01
C PHE A 108 11.95 -6.76 11.69
N HIS A 109 11.86 -8.10 11.81
CA HIS A 109 11.50 -8.91 10.69
C HIS A 109 10.56 -10.00 11.13
N GLY A 110 9.44 -10.09 10.45
CA GLY A 110 8.47 -11.19 10.68
C GLY A 110 8.40 -12.08 9.47
N SER A 111 8.33 -13.40 9.69
CA SER A 111 8.35 -14.36 8.60
C SER A 111 7.90 -15.73 9.09
N PRO A 112 7.17 -16.49 8.25
CA PRO A 112 7.00 -17.91 8.62
C PRO A 112 8.32 -18.68 8.70
N PHE A 113 9.41 -18.16 8.16
CA PHE A 113 10.67 -18.90 8.10
C PHE A 113 11.70 -18.45 9.11
N VAL A 114 11.29 -17.86 10.23
CA VAL A 114 12.25 -17.37 11.21
C VAL A 114 13.14 -18.51 11.68
N ASN A 115 12.61 -19.74 11.77
CA ASN A 115 13.45 -20.83 12.22
C ASN A 115 14.54 -21.16 11.23
N ALA A 116 14.27 -21.14 9.93
CA ALA A 116 15.34 -21.26 8.92
C ALA A 116 16.33 -20.08 8.95
N ILE A 117 15.83 -18.87 9.18
CA ILE A 117 16.70 -17.71 9.15
C ILE A 117 17.77 -17.80 10.21
N ILE A 118 17.38 -18.17 11.43
CA ILE A 118 18.32 -18.18 12.52
C ILE A 118 19.38 -19.28 12.36
N HIS A 119 19.08 -20.31 11.57
CA HIS A 119 20.03 -21.42 11.32
C HIS A 119 20.86 -21.24 10.08
N LYS A 120 20.27 -20.72 9.01
CA LYS A 120 20.92 -20.62 7.70
C LYS A 120 21.21 -19.18 7.27
N GLY A 121 20.71 -18.19 8.01
CA GLY A 121 20.88 -16.78 7.66
C GLY A 121 19.81 -16.34 6.67
N PHE A 122 19.79 -15.05 6.38
CA PHE A 122 18.92 -14.54 5.34
C PHE A 122 19.52 -14.86 3.96
N ASP A 123 18.66 -15.18 3.00
CA ASP A 123 19.03 -15.31 1.60
C ASP A 123 17.78 -15.05 0.69
N GLU A 124 17.99 -15.11 -0.62
CA GLU A 124 16.91 -14.91 -1.64
C GLU A 124 15.58 -15.62 -1.39
N ARG A 125 15.58 -16.75 -0.71
CA ARG A 125 14.34 -17.42 -0.34
C ARG A 125 13.52 -16.73 0.74
N HIS A 126 14.12 -15.76 1.41
CA HIS A 126 13.41 -14.97 2.45
C HIS A 126 12.88 -13.63 1.92
N ALA A 127 13.00 -13.42 0.59
CA ALA A 127 12.62 -12.18 -0.07
C ALA A 127 11.12 -12.12 -0.29
N TYR A 128 10.56 -10.92 -0.24
CA TYR A 128 9.15 -10.71 -0.48
C TYR A 128 9.04 -10.31 -1.95
N ILE A 129 8.68 -11.25 -2.80
CA ILE A 129 8.80 -11.04 -4.26
C ILE A 129 7.87 -9.90 -4.69
N GLY A 130 6.65 -9.89 -4.16
CA GLY A 130 5.67 -8.86 -4.46
C GLY A 130 5.69 -7.59 -3.59
N GLY A 131 6.75 -7.33 -2.83
CA GLY A 131 6.79 -6.14 -2.00
C GLY A 131 6.78 -4.86 -2.85
N MET A 132 6.31 -3.78 -2.27
CA MET A 132 6.16 -2.47 -2.94
C MET A 132 7.48 -1.86 -3.45
N PHE A 133 8.62 -2.30 -2.92
CA PHE A 133 9.95 -1.80 -3.33
C PHE A 133 10.80 -2.85 -4.03
N GLY A 134 10.17 -3.79 -4.70
CA GLY A 134 10.86 -4.84 -5.42
C GLY A 134 11.13 -6.06 -4.56
N ALA A 135 11.60 -7.12 -5.21
CA ALA A 135 11.89 -8.37 -4.56
C ALA A 135 13.13 -8.21 -3.70
N GLY A 136 12.92 -8.17 -2.40
CA GLY A 136 14.02 -8.14 -1.48
C GLY A 136 13.55 -8.56 -0.12
N ILE A 137 14.40 -8.35 0.87
CA ILE A 137 14.12 -8.73 2.24
C ILE A 137 13.71 -7.50 3.00
N TYR A 138 12.52 -7.53 3.56
CA TYR A 138 11.88 -6.36 4.15
C TYR A 138 12.02 -6.36 5.67
N PHE A 139 12.22 -5.17 6.20
CA PHE A 139 12.36 -4.94 7.65
C PHE A 139 11.55 -3.75 8.03
N ALA A 140 11.14 -3.69 9.29
CA ALA A 140 10.33 -2.59 9.77
C ALA A 140 10.84 -1.98 11.05
N GLU A 141 10.64 -0.67 11.17
CA GLU A 141 10.76 0.01 12.47
C GLU A 141 9.62 -0.31 13.41
N ASN A 142 8.40 -0.45 12.88
CA ASN A 142 7.26 -0.79 13.70
C ASN A 142 7.22 -2.31 13.91
N SER A 143 7.33 -2.74 15.15
CA SER A 143 7.21 -4.16 15.46
C SER A 143 5.87 -4.72 14.97
N SER A 144 4.80 -3.93 15.12
CA SER A 144 3.47 -4.37 14.70
C SER A 144 3.35 -4.57 13.16
N LYS A 145 4.15 -3.84 12.39
CA LYS A 145 4.23 -4.11 10.93
C LYS A 145 4.81 -5.50 10.66
N SER A 146 6.00 -5.79 11.21
CA SER A 146 6.55 -7.14 11.08
C SER A 146 5.61 -8.23 11.61
N ASN A 147 4.86 -7.93 12.67
CA ASN A 147 3.87 -8.88 13.20
C ASN A 147 2.82 -9.33 12.16
N GLN A 148 2.53 -8.47 11.18
CA GLN A 148 1.62 -8.81 10.11
C GLN A 148 2.11 -9.93 9.21
N TYR A 149 3.40 -10.27 9.25
CA TYR A 149 4.00 -11.26 8.37
C TYR A 149 4.41 -12.56 9.03
N VAL A 150 4.22 -12.65 10.32
CA VAL A 150 4.59 -13.84 11.10
C VAL A 150 3.93 -15.10 10.52
N TYR A 151 2.66 -15.00 10.13
CA TYR A 151 1.94 -16.14 9.54
C TYR A 151 1.86 -16.08 8.00
N GLY A 152 2.69 -15.26 7.37
CA GLY A 152 2.73 -15.12 5.93
C GLY A 152 2.28 -13.77 5.44
N ILE A 153 2.32 -13.59 4.12
CA ILE A 153 1.94 -12.33 3.48
C ILE A 153 0.47 -12.10 3.84
N GLY A 154 0.15 -10.89 4.29
CA GLY A 154 -1.22 -10.57 4.72
C GLY A 154 -1.69 -11.33 5.95
N GLY A 155 -0.77 -11.90 6.72
CA GLY A 155 -1.15 -12.78 7.81
C GLY A 155 -1.50 -14.20 7.39
N GLY A 156 -1.40 -14.51 6.08
CA GLY A 156 -1.83 -15.81 5.51
C GLY A 156 -3.18 -16.23 6.05
N THR A 157 -3.23 -17.41 6.64
CA THR A 157 -4.47 -17.89 7.28
C THR A 157 -4.41 -17.91 8.81
N GLY A 158 -3.47 -17.16 9.38
CA GLY A 158 -3.38 -17.01 10.82
C GLY A 158 -2.62 -18.18 11.39
N CYS A 159 -2.73 -18.34 12.71
CA CYS A 159 -1.99 -19.37 13.41
C CYS A 159 -2.25 -20.78 12.85
N PRO A 160 -1.25 -21.66 12.85
CA PRO A 160 -1.46 -23.05 12.42
C PRO A 160 -2.59 -23.78 13.17
N VAL A 161 -2.76 -23.51 14.45
CA VAL A 161 -3.67 -24.27 15.28
C VAL A 161 -5.13 -23.82 15.08
N HIS A 162 -5.38 -22.51 15.21
CA HIS A 162 -6.75 -21.98 15.21
C HIS A 162 -7.17 -21.29 13.92
N LYS A 163 -6.26 -21.16 12.94
CA LYS A 163 -6.53 -20.40 11.69
C LYS A 163 -7.04 -18.99 11.96
N ASP A 164 -6.40 -18.31 12.92
CA ASP A 164 -6.84 -17.02 13.44
C ASP A 164 -5.66 -16.03 13.38
N ARG A 165 -5.76 -15.05 12.48
CA ARG A 165 -4.74 -14.01 12.37
C ARG A 165 -4.63 -13.14 13.63
N SER A 166 -5.73 -13.05 14.40
CA SER A 166 -5.74 -12.36 15.69
C SER A 166 -5.66 -13.31 16.89
N CYS A 167 -5.04 -14.46 16.74
CA CYS A 167 -4.95 -15.39 17.86
C CYS A 167 -4.20 -14.77 19.01
N TYR A 168 -4.84 -14.79 20.17
CA TYR A 168 -4.25 -14.35 21.42
C TYR A 168 -3.59 -15.42 22.26
N ILE A 169 -3.69 -16.67 21.85
CA ILE A 169 -3.14 -17.79 22.60
C ILE A 169 -1.83 -18.24 22.01
N CYS A 170 -1.76 -18.31 20.69
CA CYS A 170 -0.61 -18.94 20.03
C CYS A 170 0.63 -18.04 20.18
N HIS A 171 1.77 -18.68 20.35
CA HIS A 171 3.05 -18.02 20.50
C HIS A 171 3.60 -17.64 19.16
N ARG A 172 3.95 -16.37 19.00
CA ARG A 172 4.48 -15.82 17.78
C ARG A 172 5.94 -15.55 18.01
N GLN A 173 6.69 -15.52 16.92
CA GLN A 173 8.08 -15.10 16.94
C GLN A 173 8.40 -14.00 15.95
N LEU A 174 9.21 -13.03 16.38
CA LEU A 174 9.75 -11.99 15.52
C LEU A 174 11.25 -12.02 15.69
N LEU A 175 11.97 -11.55 14.68
CA LEU A 175 13.39 -11.29 14.80
C LEU A 175 13.62 -9.79 14.95
N PHE A 176 14.56 -9.43 15.82
CA PHE A 176 15.09 -8.08 15.91
C PHE A 176 16.53 -8.15 15.38
N CYS A 177 16.74 -7.50 14.24
CA CYS A 177 17.91 -7.74 13.42
C CYS A 177 18.81 -6.54 13.29
N ARG A 178 20.10 -6.82 13.12
CA ARG A 178 21.08 -5.80 12.83
C ARG A 178 21.14 -5.74 11.30
N VAL A 179 20.90 -4.56 10.73
CA VAL A 179 20.74 -4.42 9.29
C VAL A 179 21.65 -3.31 8.76
N THR A 180 22.44 -3.64 7.74
CA THR A 180 23.29 -2.64 7.10
C THR A 180 22.51 -2.02 5.95
N LEU A 181 22.18 -0.74 6.07
CA LEU A 181 21.53 -0.02 4.96
C LEU A 181 22.46 0.63 3.93
N GLY A 182 23.68 0.98 4.33
CA GLY A 182 24.57 1.79 3.51
C GLY A 182 23.88 3.03 3.00
N LYS A 183 24.16 3.35 1.76
CA LYS A 183 23.45 4.38 1.04
C LYS A 183 22.08 3.88 0.64
N SER A 184 21.04 4.47 1.22
CA SER A 184 19.72 3.95 1.05
C SER A 184 18.96 4.85 0.09
N PHE A 185 18.25 4.22 -0.83
CA PHE A 185 17.39 4.95 -1.79
C PHE A 185 16.11 5.32 -1.10
N LEU A 186 15.80 6.60 -1.09
CA LEU A 186 14.60 7.09 -0.43
C LEU A 186 13.40 7.04 -1.37
N GLN A 187 12.45 6.19 -1.05
CA GLN A 187 11.19 6.11 -1.77
C GLN A 187 10.08 6.67 -0.90
N PHE A 188 9.48 7.77 -1.34
CA PHE A 188 8.33 8.36 -0.68
C PHE A 188 7.15 7.52 -1.13
N SER A 189 6.19 7.25 -0.25
CA SER A 189 5.15 6.26 -0.62
C SER A 189 3.94 6.28 0.27
N ALA A 190 2.83 5.78 -0.27
CA ALA A 190 1.64 5.45 0.52
C ALA A 190 1.76 4.05 1.11
N MET B 2 15.87 -12.40 -6.02
CA MET B 2 15.81 -11.00 -5.59
C MET B 2 16.24 -10.03 -6.68
N ALA B 3 15.66 -8.83 -6.64
CA ALA B 3 16.08 -7.73 -7.50
C ALA B 3 17.45 -7.22 -7.01
N HIS B 4 17.99 -6.23 -7.70
CA HIS B 4 19.20 -5.54 -7.27
C HIS B 4 18.78 -4.24 -6.59
N SER B 5 19.67 -3.71 -5.72
CA SER B 5 19.49 -2.37 -5.16
C SER B 5 19.48 -1.38 -6.33
N PRO B 6 18.82 -0.21 -6.16
CA PRO B 6 18.98 0.80 -7.21
C PRO B 6 20.47 1.14 -7.40
N PRO B 7 20.92 1.34 -8.66
CA PRO B 7 22.35 1.62 -8.87
C PRO B 7 22.90 2.70 -7.95
N GLY B 8 24.09 2.45 -7.40
CA GLY B 8 24.72 3.35 -6.44
C GLY B 8 24.15 3.32 -5.01
N HIS B 9 23.22 2.40 -4.70
CA HIS B 9 22.58 2.29 -3.37
C HIS B 9 22.67 0.84 -2.82
N HIS B 10 22.65 0.68 -1.49
CA HIS B 10 22.72 -0.65 -0.85
C HIS B 10 21.40 -1.15 -0.26
N SER B 11 20.38 -0.29 -0.30
CA SER B 11 19.06 -0.59 0.28
C SER B 11 18.05 0.41 -0.25
N VAL B 12 16.76 0.19 0.07
CA VAL B 12 15.72 1.13 -0.16
C VAL B 12 15.05 1.42 1.19
N THR B 13 14.69 2.69 1.40
CA THR B 13 13.92 3.15 2.53
C THR B 13 12.55 3.54 2.02
N GLY B 14 11.53 2.89 2.56
CA GLY B 14 10.14 3.22 2.33
C GLY B 14 9.68 4.24 3.35
N ARG B 15 9.65 5.51 2.94
CA ARG B 15 9.23 6.60 3.82
CA ARG B 15 9.23 6.60 3.81
C ARG B 15 7.70 6.70 3.79
N PRO B 16 7.06 6.65 4.94
CA PRO B 16 5.60 6.86 4.86
C PRO B 16 5.24 8.29 4.42
N SER B 17 4.34 8.44 3.44
CA SER B 17 3.90 9.78 2.92
C SER B 17 2.36 10.00 2.96
N VAL B 18 1.65 9.24 3.80
CA VAL B 18 0.20 9.36 3.98
C VAL B 18 -0.15 9.19 5.47
N ASN B 19 0.11 7.98 5.99
CA ASN B 19 -0.11 7.68 7.39
C ASN B 19 1.00 8.37 8.19
N GLY B 20 0.54 9.49 8.79
CA GLY B 20 1.34 10.25 9.71
C GLY B 20 1.98 9.51 10.84
N LEU B 21 1.43 8.39 11.32
CA LEU B 21 2.04 7.69 12.45
C LEU B 21 2.99 6.55 12.09
N ALA B 22 3.03 6.15 10.83
CA ALA B 22 3.80 4.97 10.42
C ALA B 22 5.29 5.25 10.49
N LEU B 23 6.09 4.29 10.93
CA LEU B 23 7.53 4.40 10.80
C LEU B 23 7.97 3.79 9.48
N ALA B 24 9.24 3.98 9.16
CA ALA B 24 9.79 3.54 7.94
C ALA B 24 9.93 2.01 7.87
N GLU B 25 10.01 1.54 6.62
CA GLU B 25 10.29 0.16 6.26
C GLU B 25 11.47 0.19 5.33
N TYR B 26 12.21 -0.92 5.31
CA TYR B 26 13.49 -0.97 4.60
C TYR B 26 13.62 -2.28 3.86
N VAL B 27 14.32 -2.24 2.73
CA VAL B 27 14.55 -3.43 1.90
C VAL B 27 16.02 -3.52 1.59
N ILE B 28 16.55 -4.73 1.79
CA ILE B 28 17.90 -5.10 1.37
C ILE B 28 17.78 -6.18 0.31
N TYR B 29 18.78 -6.23 -0.55
CA TYR B 29 18.79 -7.13 -1.69
C TYR B 29 19.89 -8.19 -1.58
N ARG B 30 20.63 -8.20 -0.48
CA ARG B 30 21.64 -9.20 -0.19
C ARG B 30 21.39 -9.68 1.22
N GLY B 31 21.20 -11.00 1.43
CA GLY B 31 20.95 -11.52 2.78
C GLY B 31 22.06 -11.33 3.78
N GLU B 32 23.29 -11.18 3.28
CA GLU B 32 24.45 -10.83 4.08
C GLU B 32 24.40 -9.45 4.78
N GLN B 33 23.51 -8.56 4.33
CA GLN B 33 23.31 -7.28 5.00
C GLN B 33 22.38 -7.29 6.23
N ALA B 34 21.98 -8.46 6.73
CA ALA B 34 21.24 -8.52 7.98
C ALA B 34 21.71 -9.70 8.79
N TYR B 35 21.72 -9.53 10.09
CA TYR B 35 22.07 -10.58 11.03
C TYR B 35 20.93 -10.65 12.05
N PRO B 36 20.31 -11.83 12.24
CA PRO B 36 19.14 -11.98 13.13
C PRO B 36 19.56 -12.07 14.58
N GLU B 37 19.75 -10.93 15.27
N GLU B 37 19.67 -10.93 15.26
CA GLU B 37 20.35 -10.91 16.61
CA GLU B 37 20.34 -10.82 16.54
C GLU B 37 19.50 -11.48 17.72
C GLU B 37 19.54 -11.33 17.74
N TYR B 38 18.23 -11.10 17.74
CA TYR B 38 17.33 -11.51 18.81
C TYR B 38 16.11 -12.19 18.24
N LEU B 39 15.78 -13.32 18.84
CA LEU B 39 14.54 -14.05 18.59
C LEU B 39 13.60 -13.77 19.75
N ILE B 40 12.48 -13.14 19.43
CA ILE B 40 11.53 -12.71 20.43
C ILE B 40 10.27 -13.59 20.28
N THR B 41 9.92 -14.25 21.36
CA THR B 41 8.69 -15.05 21.45
C THR B 41 7.67 -14.28 22.27
N TYR B 42 6.46 -14.17 21.74
CA TYR B 42 5.43 -13.29 22.32
C TYR B 42 4.03 -13.72 21.97
N GLN B 43 3.08 -13.11 22.64
CA GLN B 43 1.70 -13.14 22.24
C GLN B 43 1.24 -11.72 22.04
N ILE B 44 0.34 -11.51 21.10
CA ILE B 44 -0.38 -10.24 21.07
C ILE B 44 -1.38 -10.29 22.19
N MET B 45 -1.68 -9.14 22.78
CA MET B 45 -2.62 -9.08 23.91
C MET B 45 -3.95 -8.47 23.49
N ARG B 46 -5.04 -9.11 23.91
CA ARG B 46 -6.40 -8.58 23.65
C ARG B 46 -6.57 -7.27 24.42
N PRO B 47 -6.92 -6.16 23.74
CA PRO B 47 -7.17 -4.89 24.46
C PRO B 47 -8.23 -4.99 25.58
N GLU B 48 -8.04 -4.20 26.63
CA GLU B 48 -9.05 -4.00 27.69
C GLU B 48 -10.02 -2.90 27.25
N GLY C 30 -13.83 5.21 10.36
CA GLY C 30 -14.33 3.81 10.33
C GLY C 30 -13.95 3.03 9.05
N THR C 31 -12.95 3.49 8.32
CA THR C 31 -12.53 2.82 7.10
C THR C 31 -11.43 1.85 7.39
N ILE C 32 -11.54 0.66 6.84
CA ILE C 32 -10.42 -0.28 6.85
C ILE C 32 -10.05 -0.69 5.41
N LEU C 33 -8.78 -0.97 5.20
CA LEU C 33 -8.23 -1.31 3.88
C LEU C 33 -7.69 -2.70 3.96
N ILE C 34 -8.20 -3.59 3.11
CA ILE C 34 -7.78 -4.99 3.13
C ILE C 34 -6.98 -5.21 1.86
N ASP C 35 -5.72 -5.62 2.00
CA ASP C 35 -4.88 -5.93 0.83
C ASP C 35 -5.39 -7.11 0.10
N LEU C 36 -5.47 -7.03 -1.21
CA LEU C 36 -5.78 -8.18 -2.03
C LEU C 36 -4.50 -8.83 -2.45
N SER C 37 -4.49 -10.16 -2.49
CA SER C 37 -3.33 -10.91 -2.93
C SER C 37 -3.25 -10.83 -4.44
N PRO C 38 -2.05 -10.65 -5.01
CA PRO C 38 -1.90 -10.74 -6.48
C PRO C 38 -2.38 -12.04 -7.11
N ASP C 39 -2.38 -13.13 -6.34
CA ASP C 39 -2.90 -14.42 -6.79
C ASP C 39 -4.42 -14.56 -6.74
N ASP C 40 -5.11 -13.57 -6.21
CA ASP C 40 -6.57 -13.51 -6.11
C ASP C 40 -7.15 -13.04 -7.48
N LYS C 41 -8.21 -13.70 -7.93
CA LYS C 41 -8.90 -13.29 -9.14
C LYS C 41 -9.41 -11.85 -9.05
N GLU C 42 -9.80 -11.40 -7.86
CA GLU C 42 -10.28 -10.02 -7.70
C GLU C 42 -9.18 -8.98 -8.00
N PHE C 43 -7.98 -9.21 -7.49
CA PHE C 43 -6.85 -8.38 -7.78
C PHE C 43 -6.60 -8.37 -9.27
N GLN C 44 -6.62 -9.55 -9.86
CA GLN C 44 -6.26 -9.68 -11.26
C GLN C 44 -7.26 -8.97 -12.17
N SER C 45 -8.53 -9.00 -11.80
CA SER C 45 -9.58 -8.34 -12.53
C SER C 45 -9.41 -6.84 -12.48
N VAL C 46 -9.11 -6.32 -11.29
CA VAL C 46 -8.94 -4.91 -11.13
C VAL C 46 -7.68 -4.43 -11.88
N GLU C 47 -6.58 -5.17 -11.76
CA GLU C 47 -5.41 -4.87 -12.55
C GLU C 47 -5.71 -4.88 -14.06
N GLU C 48 -6.44 -5.88 -14.54
CA GLU C 48 -6.73 -5.95 -15.97
C GLU C 48 -7.58 -4.74 -16.44
N GLU C 49 -8.49 -4.28 -15.61
CA GLU C 49 -9.28 -3.10 -15.93
C GLU C 49 -8.40 -1.84 -16.00
N MET C 50 -7.43 -1.71 -15.08
CA MET C 50 -6.43 -0.64 -15.14
C MET C 50 -5.64 -0.67 -16.46
N GLN C 51 -4.98 -1.81 -16.71
CA GLN C 51 -4.06 -1.95 -17.84
C GLN C 51 -4.80 -1.88 -19.18
N SER C 52 -5.99 -2.46 -19.27
CA SER C 52 -6.68 -2.57 -20.56
C SER C 52 -7.31 -1.25 -20.95
N THR C 53 -7.42 -0.29 -20.02
CA THR C 53 -8.05 0.99 -20.36
C THR C 53 -7.05 2.16 -20.41
N VAL C 54 -5.75 1.85 -20.52
CA VAL C 54 -4.76 2.89 -20.81
C VAL C 54 -4.97 3.31 -22.27
N ARG C 55 -4.97 4.61 -22.55
CA ARG C 55 -4.95 5.10 -23.91
C ARG C 55 -3.94 6.25 -24.04
N GLU C 56 -3.71 6.65 -25.28
CA GLU C 56 -2.94 7.86 -25.55
C GLU C 56 -3.83 9.07 -25.33
N HIS C 57 -3.22 10.15 -24.85
CA HIS C 57 -3.89 11.39 -24.55
C HIS C 57 -3.38 12.48 -25.48
N ARG C 58 -4.26 13.42 -25.80
CA ARG C 58 -3.97 14.44 -26.84
C ARG C 58 -2.97 15.47 -26.34
N ASP C 59 -2.69 15.49 -25.05
CA ASP C 59 -1.63 16.28 -24.50
C ASP C 59 -0.23 15.67 -24.60
N GLY C 60 -0.10 14.55 -25.30
CA GLY C 60 1.19 13.90 -25.47
C GLY C 60 1.79 13.35 -24.16
N GLY C 61 0.99 13.27 -23.09
CA GLY C 61 1.55 12.92 -21.76
C GLY C 61 1.79 14.05 -20.78
N HIS C 62 1.44 15.28 -21.14
CA HIS C 62 1.75 16.42 -20.30
C HIS C 62 1.18 16.33 -18.87
N ALA C 63 -0.09 15.98 -18.75
CA ALA C 63 -0.75 15.95 -17.44
C ALA C 63 -0.42 14.64 -16.71
N GLY C 64 -0.48 13.51 -17.40
CA GLY C 64 -0.39 12.19 -16.77
C GLY C 64 0.91 11.44 -16.86
N GLY C 65 1.78 11.90 -17.76
CA GLY C 65 2.98 11.16 -18.15
C GLY C 65 2.87 10.35 -19.41
N ILE C 66 4.03 9.86 -19.83
CA ILE C 66 4.15 9.07 -21.03
C ILE C 66 4.30 7.63 -20.58
N PHE C 67 3.33 6.80 -20.97
CA PHE C 67 3.27 5.38 -20.55
C PHE C 67 2.21 4.65 -21.34
N ASN C 68 2.40 3.34 -21.51
CA ASN C 68 1.42 2.43 -22.06
C ASN C 68 0.83 1.45 -21.07
N ARG C 69 1.45 1.34 -19.89
CA ARG C 69 1.05 0.39 -18.87
C ARG C 69 1.56 0.84 -17.50
N TYR C 70 1.02 0.19 -16.47
CA TYR C 70 1.34 0.51 -15.11
C TYR C 70 2.13 -0.63 -14.48
N ASN C 71 2.88 -0.30 -13.45
CA ASN C 71 3.34 -1.29 -12.49
C ASN C 71 2.41 -1.19 -11.26
N ILE C 72 1.54 -2.19 -11.09
CA ILE C 72 0.59 -2.21 -9.96
C ILE C 72 1.33 -2.71 -8.72
N LEU C 73 1.38 -1.88 -7.70
CA LEU C 73 2.09 -2.17 -6.46
C LEU C 73 1.20 -2.82 -5.39
N LYS C 74 -0.06 -2.38 -5.31
CA LYS C 74 -0.97 -2.88 -4.33
C LYS C 74 -2.41 -2.54 -4.73
N ILE C 75 -3.34 -3.44 -4.42
CA ILE C 75 -4.78 -3.14 -4.57
C ILE C 75 -5.43 -3.48 -3.24
N GLN C 76 -6.08 -2.48 -2.68
CA GLN C 76 -6.80 -2.64 -1.43
C GLN C 76 -8.30 -2.44 -1.60
N LYS C 77 -9.06 -3.32 -0.95
CA LYS C 77 -10.50 -3.13 -0.81
C LYS C 77 -10.75 -2.16 0.30
N VAL C 78 -11.66 -1.22 0.06
CA VAL C 78 -11.97 -0.15 1.00
C VAL C 78 -13.30 -0.49 1.67
N CYS C 79 -13.27 -0.72 2.98
CA CYS C 79 -14.47 -1.14 3.74
CA CYS C 79 -14.50 -1.13 3.72
C CYS C 79 -14.86 -0.05 4.72
N ASN C 80 -16.07 0.51 4.57
CA ASN C 80 -16.58 1.50 5.50
C ASN C 80 -18.10 1.34 5.54
N LYS C 81 -18.61 0.92 6.69
CA LYS C 81 -20.02 0.50 6.81
C LYS C 81 -20.92 1.72 6.62
N LYS C 82 -20.58 2.80 7.31
CA LYS C 82 -21.34 4.02 7.23
C LYS C 82 -21.41 4.52 5.79
N LEU C 83 -20.26 4.58 5.11
CA LEU C 83 -20.21 5.09 3.72
C LEU C 83 -20.93 4.15 2.77
N TRP C 84 -20.82 2.85 3.02
CA TRP C 84 -21.53 1.86 2.24
C TRP C 84 -23.07 2.02 2.37
N GLU C 85 -23.55 2.31 3.58
CA GLU C 85 -25.00 2.48 3.78
C GLU C 85 -25.53 3.76 3.12
N ARG C 86 -24.73 4.83 3.20
CA ARG C 86 -24.99 6.09 2.52
C ARG C 86 -25.10 5.89 1.01
N TYR C 87 -24.17 5.10 0.46
CA TYR C 87 -24.23 4.69 -0.93
C TYR C 87 -25.49 3.89 -1.31
N THR C 88 -25.78 2.77 -0.63
CA THR C 88 -26.94 1.94 -0.99
C THR C 88 -28.28 2.61 -0.75
N HIS C 89 -28.34 3.52 0.20
CA HIS C 89 -29.55 4.30 0.42
C HIS C 89 -29.80 5.23 -0.79
N ARG C 90 -28.76 5.89 -1.26
CA ARG C 90 -28.89 6.76 -2.43
C ARG C 90 -29.17 5.92 -3.69
N ARG C 91 -28.51 4.77 -3.79
CA ARG C 91 -28.71 3.90 -4.95
C ARG C 91 -30.17 3.47 -5.06
N LYS C 92 -30.80 3.24 -3.91
CA LYS C 92 -32.19 2.80 -3.86
C LYS C 92 -33.12 3.93 -4.29
N GLU C 93 -32.84 5.17 -3.89
CA GLU C 93 -33.67 6.33 -4.33
C GLU C 93 -33.52 6.50 -5.82
N VAL C 94 -32.29 6.43 -6.32
CA VAL C 94 -32.03 6.65 -7.72
C VAL C 94 -32.70 5.55 -8.53
N SER C 95 -32.54 4.32 -8.08
CA SER C 95 -33.07 3.21 -8.78
C SER C 95 -34.59 3.32 -8.89
N GLU C 96 -35.25 3.72 -7.82
CA GLU C 96 -36.72 3.88 -7.83
C GLU C 96 -37.17 5.01 -8.77
N GLU C 97 -36.44 6.13 -8.78
CA GLU C 97 -36.71 7.23 -9.68
C GLU C 97 -36.47 6.89 -11.14
N ASN C 98 -35.59 5.91 -11.38
CA ASN C 98 -35.29 5.50 -12.74
C ASN C 98 -35.89 4.14 -13.09
N HIS C 99 -37.09 3.87 -12.55
CA HIS C 99 -37.87 2.68 -12.91
C HIS C 99 -37.12 1.37 -12.66
N ASN C 100 -36.58 1.29 -11.45
CA ASN C 100 -35.86 0.13 -10.94
CA ASN C 100 -35.87 0.10 -10.97
C ASN C 100 -34.56 -0.18 -11.73
N HIS C 101 -33.82 0.87 -12.06
CA HIS C 101 -32.52 0.73 -12.74
C HIS C 101 -31.53 1.74 -12.19
N ALA C 102 -30.65 1.24 -11.31
CA ALA C 102 -29.58 2.04 -10.73
C ALA C 102 -28.55 2.49 -11.76
N ASN C 103 -28.35 1.67 -12.79
CA ASN C 103 -27.38 1.98 -13.85
C ASN C 103 -25.99 2.15 -13.21
N GLU C 104 -25.61 1.14 -12.44
CA GLU C 104 -24.39 1.17 -11.63
C GLU C 104 -23.18 0.70 -12.44
N ARG C 105 -22.08 1.45 -12.33
CA ARG C 105 -20.86 1.15 -13.09
C ARG C 105 -19.68 1.07 -12.11
N MET C 106 -18.60 0.48 -12.58
CA MET C 106 -17.29 0.58 -11.92
C MET C 106 -16.45 1.52 -12.76
N LEU C 107 -15.97 2.61 -12.16
CA LEU C 107 -15.27 3.65 -12.90
C LEU C 107 -14.10 4.14 -12.08
N PHE C 108 -13.12 4.70 -12.77
CA PHE C 108 -11.94 5.25 -12.10
C PHE C 108 -12.13 6.67 -11.62
N HIS C 109 -11.42 7.01 -10.56
CA HIS C 109 -11.33 8.38 -10.08
C HIS C 109 -9.94 8.71 -9.58
N GLY C 110 -9.36 9.78 -10.11
CA GLY C 110 -8.06 10.24 -9.71
C GLY C 110 -8.23 11.57 -9.01
N SER C 111 -7.52 11.76 -7.90
CA SER C 111 -7.62 13.03 -7.20
C SER C 111 -6.50 13.20 -6.19
N PRO C 112 -6.03 14.44 -5.98
CA PRO C 112 -5.15 14.62 -4.80
C PRO C 112 -5.83 14.32 -3.44
N PHE C 113 -7.16 14.17 -3.38
CA PHE C 113 -7.83 13.93 -2.12
C PHE C 113 -8.28 12.50 -1.89
N VAL C 114 -7.64 11.54 -2.57
CA VAL C 114 -7.98 10.13 -2.45
C VAL C 114 -7.99 9.65 -1.00
N ASN C 115 -7.03 10.11 -0.20
CA ASN C 115 -6.98 9.68 1.20
C ASN C 115 -8.16 10.25 1.99
N ALA C 116 -8.54 11.50 1.75
CA ALA C 116 -9.79 12.02 2.32
C ALA C 116 -11.05 11.27 1.85
N ILE C 117 -11.10 10.88 0.57
CA ILE C 117 -12.27 10.23 0.04
C ILE C 117 -12.51 8.90 0.70
N ILE C 118 -11.47 8.10 0.86
CA ILE C 118 -11.65 6.76 1.45
C ILE C 118 -12.12 6.82 2.92
N HIS C 119 -11.79 7.90 3.63
CA HIS C 119 -12.22 8.04 5.04
C HIS C 119 -13.56 8.71 5.20
N LYS C 120 -13.80 9.78 4.43
CA LYS C 120 -14.99 10.61 4.61
C LYS C 120 -16.04 10.49 3.52
N GLY C 121 -15.70 9.85 2.40
CA GLY C 121 -16.65 9.67 1.31
C GLY C 121 -16.54 10.78 0.31
N PHE C 122 -17.20 10.61 -0.84
CA PHE C 122 -17.28 11.68 -1.81
C PHE C 122 -18.26 12.75 -1.30
N ASP C 123 -17.95 14.01 -1.56
CA ASP C 123 -18.89 15.15 -1.39
C ASP C 123 -18.40 16.38 -2.22
N GLU C 124 -19.07 17.52 -2.08
CA GLU C 124 -18.78 18.72 -2.90
C GLU C 124 -17.30 19.16 -2.92
N ARG C 125 -16.53 18.90 -1.86
CA ARG C 125 -15.08 19.19 -1.86
C ARG C 125 -14.32 18.44 -2.97
N HIS C 126 -14.87 17.33 -3.42
CA HIS C 126 -14.24 16.46 -4.46
C HIS C 126 -14.72 16.76 -5.87
N ALA C 127 -15.51 17.85 -6.02
CA ALA C 127 -16.10 18.26 -7.30
C ALA C 127 -15.16 19.08 -8.15
N TYR C 128 -15.12 18.76 -9.45
CA TYR C 128 -14.34 19.52 -10.42
C TYR C 128 -15.22 20.65 -10.90
N ILE C 129 -14.99 21.83 -10.33
CA ILE C 129 -15.89 22.96 -10.54
C ILE C 129 -15.86 23.38 -11.99
N GLY C 130 -14.68 23.40 -12.59
CA GLY C 130 -14.56 23.77 -14.00
C GLY C 130 -14.55 22.63 -15.01
N GLY C 131 -15.16 21.49 -14.69
CA GLY C 131 -15.20 20.39 -15.63
C GLY C 131 -16.12 20.76 -16.78
N MET C 132 -15.82 20.22 -17.95
CA MET C 132 -16.58 20.46 -19.17
C MET C 132 -18.08 20.10 -19.16
N PHE C 133 -18.47 19.14 -18.32
CA PHE C 133 -19.87 18.75 -18.18
C PHE C 133 -20.49 19.30 -16.94
N GLY C 134 -19.96 20.40 -16.43
CA GLY C 134 -20.49 21.08 -15.24
C GLY C 134 -19.80 20.70 -13.96
N ALA C 135 -20.15 21.40 -12.88
CA ALA C 135 -19.51 21.27 -11.58
C ALA C 135 -20.04 20.04 -10.84
N GLY C 136 -19.25 18.98 -10.86
CA GLY C 136 -19.66 17.71 -10.26
C GLY C 136 -18.46 16.84 -10.05
N ILE C 137 -18.70 15.61 -9.68
CA ILE C 137 -17.60 14.67 -9.42
C ILE C 137 -17.45 13.79 -10.66
N TYR C 138 -16.23 13.74 -11.17
CA TYR C 138 -15.93 13.17 -12.45
C TYR C 138 -15.28 11.80 -12.30
N PHE C 139 -15.68 10.87 -13.18
CA PHE C 139 -15.16 9.52 -13.24
C PHE C 139 -14.89 9.16 -14.69
N ALA C 140 -13.97 8.25 -14.90
CA ALA C 140 -13.52 7.83 -16.23
C ALA C 140 -13.54 6.31 -16.40
N GLU C 141 -13.92 5.89 -17.60
CA GLU C 141 -13.69 4.49 -18.04
C GLU C 141 -12.21 4.23 -18.35
N ASN C 142 -11.48 5.22 -18.84
CA ASN C 142 -10.04 5.09 -19.09
C ASN C 142 -9.28 5.36 -17.79
N SER C 143 -8.59 4.35 -17.28
CA SER C 143 -7.74 4.55 -16.12
C SER C 143 -6.74 5.70 -16.34
N SER C 144 -6.22 5.84 -17.57
CA SER C 144 -5.23 6.85 -17.92
C SER C 144 -5.81 8.27 -17.91
N LYS C 145 -7.11 8.41 -18.14
CA LYS C 145 -7.79 9.70 -17.97
C LYS C 145 -7.77 10.12 -16.48
N SER C 146 -8.16 9.22 -15.59
CA SER C 146 -8.13 9.54 -14.13
C SER C 146 -6.68 9.77 -13.64
N ASN C 147 -5.71 9.04 -14.20
CA ASN C 147 -4.28 9.23 -13.89
C ASN C 147 -3.82 10.67 -14.12
N GLN C 148 -4.43 11.36 -15.09
CA GLN C 148 -4.14 12.78 -15.30
C GLN C 148 -4.49 13.73 -14.14
N TYR C 149 -5.32 13.28 -13.19
CA TYR C 149 -5.79 14.08 -12.06
C TYR C 149 -5.19 13.72 -10.71
N VAL C 150 -4.38 12.69 -10.70
CA VAL C 150 -3.78 12.21 -9.47
C VAL C 150 -3.02 13.32 -8.75
N TYR C 151 -2.30 14.13 -9.51
CA TYR C 151 -1.58 15.26 -8.92
C TYR C 151 -2.30 16.61 -9.13
N GLY C 152 -3.62 16.58 -9.30
CA GLY C 152 -4.42 17.78 -9.43
C GLY C 152 -4.82 18.03 -10.88
N ILE C 153 -5.63 19.06 -11.11
CA ILE C 153 -6.08 19.43 -12.46
C ILE C 153 -4.88 19.70 -13.37
N GLY C 154 -4.92 19.16 -14.58
CA GLY C 154 -3.79 19.28 -15.51
C GLY C 154 -2.50 18.58 -15.06
N GLY C 155 -2.61 17.67 -14.08
CA GLY C 155 -1.45 17.07 -13.43
C GLY C 155 -0.73 17.97 -12.43
N GLY C 156 -1.30 19.16 -12.14
CA GLY C 156 -0.68 20.15 -11.29
C GLY C 156 0.77 20.33 -11.65
N THR C 157 1.64 20.28 -10.65
CA THR C 157 3.09 20.34 -10.84
C THR C 157 3.76 18.94 -10.80
N GLY C 158 2.96 17.87 -10.91
CA GLY C 158 3.46 16.50 -10.89
C GLY C 158 3.76 16.06 -9.47
N CYS C 159 4.61 15.04 -9.35
CA CYS C 159 4.88 14.44 -8.06
C CYS C 159 5.48 15.49 -7.11
N PRO C 160 5.16 15.37 -5.80
CA PRO C 160 5.79 16.22 -4.78
C PRO C 160 7.33 16.21 -4.82
N VAL C 161 7.92 15.02 -4.95
CA VAL C 161 9.36 14.86 -4.77
C VAL C 161 10.15 15.42 -5.94
N HIS C 162 9.75 15.12 -7.17
CA HIS C 162 10.53 15.56 -8.35
C HIS C 162 9.88 16.67 -9.18
N LYS C 163 8.66 17.09 -8.86
CA LYS C 163 7.86 18.00 -9.73
C LYS C 163 7.79 17.47 -11.17
N ASP C 164 7.49 16.19 -11.34
CA ASP C 164 7.50 15.55 -12.64
C ASP C 164 6.14 14.89 -12.83
N ARG C 165 5.35 15.41 -13.77
CA ARG C 165 4.04 14.83 -14.06
C ARG C 165 4.20 13.44 -14.68
N SER C 166 5.37 13.18 -15.25
CA SER C 166 5.70 11.87 -15.79
C SER C 166 6.64 11.06 -14.89
N CYS C 167 6.61 11.28 -13.58
CA CYS C 167 7.53 10.58 -12.69
C CYS C 167 7.27 9.11 -12.79
N TYR C 168 8.31 8.32 -13.06
CA TYR C 168 8.28 6.85 -13.04
C TYR C 168 8.66 6.20 -11.71
N ILE C 169 9.08 7.01 -10.75
CA ILE C 169 9.58 6.53 -9.48
C ILE C 169 8.48 6.61 -8.45
N CYS C 170 7.82 7.76 -8.38
CA CYS C 170 6.91 8.03 -7.26
C CYS C 170 5.59 7.23 -7.39
N HIS C 171 5.07 6.84 -6.25
CA HIS C 171 3.85 6.01 -6.12
C HIS C 171 2.62 6.84 -6.28
N ARG C 172 1.69 6.39 -7.13
CA ARG C 172 0.44 7.07 -7.39
C ARG C 172 -0.67 6.22 -6.85
N GLN C 173 -1.81 6.85 -6.58
CA GLN C 173 -3.02 6.12 -6.19
C GLN C 173 -4.23 6.54 -7.01
N LEU C 174 -5.06 5.56 -7.39
CA LEU C 174 -6.35 5.79 -8.06
C LEU C 174 -7.37 5.01 -7.29
N LEU C 175 -8.62 5.45 -7.40
CA LEU C 175 -9.75 4.73 -6.90
C LEU C 175 -10.50 4.12 -8.04
N PHE C 176 -11.01 2.91 -7.83
CA PHE C 176 -11.90 2.23 -8.76
C PHE C 176 -13.20 2.09 -7.95
N CYS C 177 -14.25 2.74 -8.43
CA CYS C 177 -15.38 3.08 -7.65
C CYS C 177 -16.65 2.52 -8.22
N ARG C 178 -17.57 2.21 -7.33
CA ARG C 178 -18.92 1.85 -7.74
C ARG C 178 -19.71 3.16 -7.87
N VAL C 179 -20.31 3.44 -9.02
CA VAL C 179 -20.96 4.72 -9.27
C VAL C 179 -22.39 4.46 -9.81
N THR C 180 -23.38 5.12 -9.20
CA THR C 180 -24.79 4.98 -9.57
C THR C 180 -25.06 6.11 -10.54
N LEU C 181 -25.32 5.77 -11.80
CA LEU C 181 -25.61 6.78 -12.82
C LEU C 181 -27.06 7.19 -12.95
N GLY C 182 -27.97 6.26 -12.63
CA GLY C 182 -29.40 6.47 -12.84
C GLY C 182 -29.67 6.78 -14.32
N LYS C 183 -30.64 7.64 -14.54
CA LYS C 183 -30.88 8.25 -15.83
C LYS C 183 -29.75 9.23 -16.15
N SER C 184 -28.91 8.89 -17.11
CA SER C 184 -27.74 9.68 -17.40
C SER C 184 -27.98 10.50 -18.67
N PHE C 185 -27.74 11.80 -18.59
CA PHE C 185 -27.85 12.68 -19.75
C PHE C 185 -26.66 12.48 -20.68
N LEU C 186 -26.92 12.10 -21.93
CA LEU C 186 -25.85 11.86 -22.89
C LEU C 186 -25.37 13.19 -23.51
N GLN C 187 -24.12 13.56 -23.27
CA GLN C 187 -23.53 14.77 -23.83
C GLN C 187 -22.38 14.35 -24.71
N PHE C 188 -22.44 14.66 -26.01
CA PHE C 188 -21.29 14.41 -26.88
C PHE C 188 -20.36 15.60 -26.70
N SER C 189 -19.06 15.34 -26.77
CA SER C 189 -18.04 16.35 -26.53
C SER C 189 -17.05 16.26 -27.64
N ALA C 190 -16.45 17.38 -27.98
CA ALA C 190 -15.55 17.46 -29.12
C ALA C 190 -14.15 16.84 -28.88
N MET C 191 -13.92 16.27 -27.69
CA MET C 191 -12.64 15.62 -27.37
C MET C 191 -12.42 14.29 -28.16
N MET D 2 -21.86 22.35 -5.66
CA MET D 2 -21.99 21.58 -6.95
C MET D 2 -23.24 21.95 -7.74
N ALA D 3 -23.14 21.76 -9.06
CA ALA D 3 -24.28 21.88 -9.97
C ALA D 3 -25.36 20.85 -9.60
N HIS D 4 -26.58 21.09 -10.08
CA HIS D 4 -27.59 20.07 -10.07
C HIS D 4 -27.42 19.26 -11.35
N SER D 5 -27.98 18.07 -11.35
CA SER D 5 -28.04 17.25 -12.56
C SER D 5 -28.93 17.94 -13.59
N PRO D 6 -28.82 17.52 -14.86
CA PRO D 6 -29.87 17.92 -15.81
C PRO D 6 -31.25 17.50 -15.27
N PRO D 7 -32.29 18.35 -15.40
CA PRO D 7 -33.62 17.98 -14.90
C PRO D 7 -34.09 16.57 -15.27
N GLY D 8 -34.41 15.77 -14.26
CA GLY D 8 -34.88 14.41 -14.45
C GLY D 8 -33.75 13.47 -14.82
N HIS D 9 -32.50 13.89 -14.63
CA HIS D 9 -31.34 13.01 -14.87
C HIS D 9 -30.51 12.98 -13.58
N HIS D 10 -29.81 11.88 -13.34
CA HIS D 10 -29.00 11.70 -12.12
C HIS D 10 -27.48 11.81 -12.35
N SER D 11 -27.08 11.97 -13.61
CA SER D 11 -25.69 12.06 -13.99
C SER D 11 -25.62 12.52 -15.43
N VAL D 12 -24.39 12.80 -15.88
CA VAL D 12 -24.09 13.12 -17.25
C VAL D 12 -23.07 12.14 -17.75
N THR D 13 -23.32 11.61 -18.93
CA THR D 13 -22.37 10.82 -19.68
C THR D 13 -21.70 11.69 -20.74
N GLY D 14 -20.39 11.84 -20.60
CA GLY D 14 -19.57 12.63 -21.51
C GLY D 14 -18.90 11.69 -22.48
N ARG D 15 -19.32 11.73 -23.74
CA ARG D 15 -18.86 10.76 -24.70
C ARG D 15 -18.04 11.45 -25.77
N PRO D 16 -16.73 11.15 -25.83
CA PRO D 16 -15.91 11.77 -26.86
C PRO D 16 -16.37 11.41 -28.28
N SER D 17 -16.66 12.42 -29.07
CA SER D 17 -17.13 12.24 -30.46
C SER D 17 -16.06 12.34 -31.57
N VAL D 18 -14.85 12.82 -31.24
CA VAL D 18 -13.77 12.94 -32.24
C VAL D 18 -12.77 11.77 -32.14
N ASN D 19 -12.24 11.56 -30.94
CA ASN D 19 -11.37 10.41 -30.66
C ASN D 19 -12.20 9.15 -30.35
N GLY D 20 -12.33 8.28 -31.35
CA GLY D 20 -13.11 7.05 -31.20
C GLY D 20 -12.48 6.02 -30.25
N LEU D 21 -11.19 6.17 -29.95
CA LEU D 21 -10.53 5.32 -28.93
C LEU D 21 -10.71 5.81 -27.49
N ALA D 22 -11.17 7.04 -27.29
CA ALA D 22 -11.38 7.57 -25.95
C ALA D 22 -12.70 7.04 -25.43
N LEU D 23 -12.67 6.53 -24.21
CA LEU D 23 -13.88 6.07 -23.54
C LEU D 23 -14.60 7.19 -22.82
N ALA D 24 -15.76 6.87 -22.29
CA ALA D 24 -16.67 7.85 -21.73
C ALA D 24 -16.17 8.34 -20.39
N GLU D 25 -16.61 9.54 -20.05
CA GLU D 25 -16.38 10.16 -18.76
C GLU D 25 -17.76 10.39 -18.18
N TYR D 26 -17.87 10.33 -16.86
CA TYR D 26 -19.17 10.43 -16.18
C TYR D 26 -19.12 11.45 -15.04
N VAL D 27 -20.24 12.13 -14.83
CA VAL D 27 -20.36 13.15 -13.82
C VAL D 27 -21.57 12.89 -12.97
N ILE D 28 -21.36 12.92 -11.65
CA ILE D 28 -22.41 12.90 -10.68
C ILE D 28 -22.39 14.18 -9.87
N TYR D 29 -23.56 14.52 -9.34
CA TYR D 29 -23.74 15.77 -8.62
C TYR D 29 -24.04 15.52 -7.13
N ARG D 30 -24.05 14.27 -6.70
CA ARG D 30 -24.30 13.91 -5.30
C ARG D 30 -23.19 12.97 -4.92
N GLY D 31 -22.46 13.27 -3.85
CA GLY D 31 -21.37 12.41 -3.37
C GLY D 31 -21.80 11.01 -3.00
N GLU D 32 -23.05 10.86 -2.59
CA GLU D 32 -23.61 9.58 -2.19
C GLU D 32 -23.83 8.61 -3.35
N GLN D 33 -23.76 9.07 -4.59
CA GLN D 33 -23.84 8.17 -5.75
C GLN D 33 -22.56 7.50 -6.10
N ALA D 34 -21.51 7.59 -5.25
CA ALA D 34 -20.27 6.87 -5.54
C ALA D 34 -19.67 6.26 -4.27
N TYR D 35 -19.10 5.06 -4.39
CA TYR D 35 -18.46 4.43 -3.25
C TYR D 35 -17.07 3.99 -3.71
N PRO D 36 -16.01 4.39 -3.00
CA PRO D 36 -14.64 4.09 -3.42
C PRO D 36 -14.23 2.69 -3.04
N GLU D 37 -14.56 1.73 -3.87
CA GLU D 37 -14.41 0.33 -3.53
C GLU D 37 -12.99 -0.21 -3.47
N TYR D 38 -12.10 0.24 -4.37
CA TYR D 38 -10.73 -0.23 -4.42
C TYR D 38 -9.79 0.94 -4.46
N LEU D 39 -8.70 0.82 -3.71
CA LEU D 39 -7.60 1.79 -3.74
C LEU D 39 -6.39 1.14 -4.38
N ILE D 40 -5.95 1.69 -5.50
CA ILE D 40 -4.91 1.09 -6.32
C ILE D 40 -3.69 1.97 -6.21
N THR D 41 -2.59 1.35 -5.78
CA THR D 41 -1.27 2.00 -5.71
C THR D 41 -0.40 1.47 -6.81
N TYR D 42 0.26 2.36 -7.55
CA TYR D 42 0.90 2.04 -8.80
C TYR D 42 1.97 3.07 -9.21
N GLN D 43 2.79 2.67 -10.16
CA GLN D 43 3.67 3.56 -10.87
C GLN D 43 3.29 3.46 -12.35
N ILE D 44 3.39 4.56 -13.07
CA ILE D 44 3.41 4.47 -14.53
C ILE D 44 4.77 3.89 -14.95
N MET D 45 4.80 3.16 -16.06
CA MET D 45 6.05 2.53 -16.54
C MET D 45 6.58 3.24 -17.77
N ARG D 46 7.89 3.49 -17.79
CA ARG D 46 8.53 4.10 -18.96
C ARG D 46 8.48 3.15 -20.16
N PRO D 47 7.96 3.61 -21.32
CA PRO D 47 7.93 2.70 -22.47
C PRO D 47 9.37 2.33 -22.90
N GLU D 48 9.60 1.10 -23.32
CA GLU D 48 10.96 0.61 -23.60
C GLU D 48 11.43 0.91 -25.02
ZN ZN E . -3.87 -19.89 17.59
S SO4 F . -4.44 -2.59 26.49
O1 SO4 F . -3.89 -3.96 26.32
O2 SO4 F . -5.92 -2.63 26.65
O3 SO4 F . -3.81 -1.94 27.67
O4 SO4 F . -4.09 -1.80 25.31
S SO4 G . -0.44 -0.27 7.33
O1 SO4 G . -1.17 -0.39 6.11
O2 SO4 G . 0.12 -1.51 7.74
O3 SO4 G . 0.73 0.57 6.98
O4 SO4 G . -1.15 0.55 8.35
CAS 97Z H . 9.29 -14.95 2.69
CAT 97Z H . 9.49 -15.86 1.49
OAU 97Z H . 8.26 -16.54 1.30
CAV 97Z H . 7.19 -15.65 0.91
CAW 97Z H . 6.80 -14.80 2.14
NAR 97Z H . 8.03 -14.16 2.70
CAO 97Z H . 7.96 -12.99 3.35
CAP 97Z H . 7.24 -11.89 2.85
CAQ 97Z H . 7.19 -10.68 3.57
CAN 97Z H . 8.66 -12.83 4.53
CAM 97Z H . 8.62 -11.65 5.24
CAL 97Z H . 7.86 -10.55 4.81
CAD 97Z H . 7.90 -9.33 5.48
NAE 97Z H . 7.55 -8.21 4.85
CAF 97Z H . 7.63 -7.02 5.43
CAK 97Z H . 7.22 -5.89 4.71
CAJ 97Z H . 7.28 -4.63 5.27
CAI 97Z H . 7.80 -4.46 6.55
CAH 97Z H . 8.20 -5.60 7.29
CAG 97Z H . 8.11 -6.86 6.74
CAB 97Z H . 8.49 -8.03 7.44
OAA 97Z H . 8.85 -8.05 8.61
NAC 97Z H . 8.37 -9.23 6.79
C1 GOL I . 3.34 12.74 6.43
O1 GOL I . 2.40 13.05 7.49
C2 GOL I . 4.11 13.99 5.97
O2 GOL I . 3.23 15.03 5.45
C3 GOL I . 4.83 14.57 7.16
O3 GOL I . 6.00 15.27 6.72
ZN ZN J . 8.60 11.65 -8.37
S SO4 K . -7.51 13.62 -23.81
O1 SO4 K . -6.81 12.81 -24.85
O2 SO4 K . -8.95 13.36 -23.96
O3 SO4 K . -7.20 13.32 -22.44
O4 SO4 K . -7.46 15.04 -24.16
S SO4 L . 6.05 -0.71 -22.97
O1 SO4 L . 7.48 -1.03 -23.23
O2 SO4 L . 5.16 -1.83 -23.28
O3 SO4 L . 5.71 0.41 -23.86
O4 SO4 L . 5.85 -0.30 -21.54
CAS 97Z M . -11.21 18.04 -6.58
CAT 97Z M . -11.23 19.19 -5.55
OAU 97Z M . -10.15 20.14 -5.80
CAV 97Z M . -9.93 20.50 -7.16
CAW 97Z M . -9.34 19.27 -7.82
NAR 97Z M . -10.33 18.19 -7.78
CAO 97Z M . -10.48 17.31 -8.81
CAP 97Z M . -10.65 17.71 -10.13
CAQ 97Z M . -10.81 16.78 -11.16
CAN 97Z M . -10.50 15.94 -8.52
CAM 97Z M . -10.66 15.01 -9.54
CAL 97Z M . -10.79 15.40 -10.88
CAD 97Z M . -11.01 14.45 -11.88
NAE 97Z M . -11.52 14.82 -13.07
CAF 97Z M . -11.79 13.93 -14.02
CAK 97Z M . -12.29 14.38 -15.24
CAJ 97Z M . -12.63 13.47 -16.24
CAI 97Z M . -12.45 12.11 -16.02
CAH 97Z M . -11.94 11.65 -14.80
CAG 97Z M . -11.61 12.55 -13.79
CAB 97Z M . -11.07 12.14 -12.57
OAA 97Z M . -10.82 10.95 -12.27
NAC 97Z M . -10.80 13.07 -11.61
#